data_6T7Z
#
_entry.id   6T7Z
#
_cell.length_a   75.153
_cell.length_b   75.153
_cell.length_c   114.510
_cell.angle_alpha   90.000
_cell.angle_beta   90.000
_cell.angle_gamma   120.000
#
_symmetry.space_group_name_H-M   'P 32 2 1'
#
loop_
_entity.id
_entity.type
_entity.pdbx_description
1 polymer 'Kelch-like ECH-associated protein 1'
2 polymer ACE-CYS-ASA-4FB-GLU-THR-GLY-GLU-CYS-NH2
3 non-polymer 'ACETATE ION'
4 water water
#
loop_
_entity_poly.entity_id
_entity_poly.type
_entity_poly.pdbx_seq_one_letter_code
_entity_poly.pdbx_strand_id
1 'polypeptide(L)'
;GSHMAPKVGRLIYTAGGYFRQSLSYLEAYNPSDGTWLRLADLQVPRSGLAGCVVGGLLYAVGGRNNSPDGNTDSSALDCY
NPMTNQWSPCAPMSVPRNRIGVGVIDGHIYAVGGSHGCIHHNSVERYEPERDEWHLVAPMLTRRIGVGVAVLNRLLYAVG
GFDGTNRLNSAECYYPERNEWRMITAMNTIRSGAGVCVLHNCIYAAGGYDGQDQLNSVERYDVATATWTFVAPMKHRRSA
LGITVHQGRIYVLGGYDGHTFLDSVECYDPDTDTWSEVTRMTSGRSGVGVAVT
;
A
2 'polypeptide(L)' (ACE)CD(4FB)ETGEC(NH2) B
#
# COMPACT_ATOMS: atom_id res chain seq x y z
N ARG A 10 14.63 -13.87 -2.36
CA ARG A 10 13.66 -12.86 -1.86
C ARG A 10 12.27 -13.12 -2.43
N LEU A 11 11.24 -13.01 -1.57
CA LEU A 11 9.87 -13.29 -1.94
C LEU A 11 8.97 -12.05 -1.85
N ILE A 12 7.83 -12.13 -2.52
CA ILE A 12 6.77 -11.11 -2.45
C ILE A 12 5.72 -11.59 -1.46
N TYR A 13 5.71 -10.99 -0.26
CA TYR A 13 4.75 -11.35 0.79
C TYR A 13 3.47 -10.54 0.59
N THR A 14 2.31 -11.19 0.64
CA THR A 14 1.02 -10.51 0.66
C THR A 14 0.24 -10.86 1.93
N ALA A 15 -0.20 -9.84 2.66
CA ALA A 15 -0.87 -10.01 3.96
C ALA A 15 -2.29 -9.45 3.94
N GLY A 16 -3.22 -10.24 4.48
CA GLY A 16 -4.60 -9.81 4.67
C GLY A 16 -5.36 -9.62 3.37
N GLY A 17 -6.31 -8.69 3.38
CA GLY A 17 -7.14 -8.38 2.22
C GLY A 17 -8.59 -8.64 2.53
N TYR A 18 -9.45 -8.49 1.52
CA TYR A 18 -10.89 -8.63 1.68
C TYR A 18 -11.50 -9.45 0.54
N PHE A 19 -12.30 -10.44 0.92
CA PHE A 19 -13.25 -11.10 0.01
C PHE A 19 -14.42 -11.55 0.88
N ARG A 20 -15.56 -10.86 0.75
CA ARG A 20 -16.75 -11.02 1.61
C ARG A 20 -16.52 -10.54 3.05
N GLN A 21 -15.39 -10.92 3.64
CA GLN A 21 -14.90 -10.33 4.89
C GLN A 21 -13.40 -10.12 4.84
N SER A 22 -12.88 -9.37 5.83
CA SER A 22 -11.45 -9.16 5.96
C SER A 22 -10.76 -10.49 6.23
N LEU A 23 -9.60 -10.69 5.60
CA LEU A 23 -8.91 -11.97 5.56
C LEU A 23 -7.69 -12.02 6.47
N SER A 24 -7.28 -13.23 6.83
CA SER A 24 -6.11 -13.47 7.69
C SER A 24 -4.91 -14.05 6.92
N TYR A 25 -4.97 -14.10 5.59
CA TYR A 25 -3.92 -14.76 4.79
C TYR A 25 -2.57 -14.05 4.92
N LEU A 26 -1.51 -14.85 5.05
CA LEU A 26 -0.14 -14.42 4.73
C LEU A 26 0.38 -15.43 3.73
N GLU A 27 0.71 -14.94 2.54
CA GLU A 27 1.24 -15.80 1.48
C GLU A 27 2.40 -15.09 0.79
N ALA A 28 3.32 -15.88 0.23
CA ALA A 28 4.53 -15.36 -0.39
C ALA A 28 4.70 -15.96 -1.77
N TYR A 29 4.93 -15.09 -2.77
CA TYR A 29 5.19 -15.52 -4.16
C TYR A 29 6.68 -15.44 -4.46
N ASN A 30 7.21 -16.49 -5.08
CA ASN A 30 8.61 -16.56 -5.53
C ASN A 30 8.59 -16.43 -7.05
N PRO A 31 9.07 -15.28 -7.60
CA PRO A 31 9.13 -15.15 -9.06
C PRO A 31 10.14 -16.06 -9.79
N SER A 32 11.09 -16.66 -9.08
CA SER A 32 12.06 -17.57 -9.70
C SER A 32 11.41 -18.85 -10.23
N ASP A 33 10.60 -19.50 -9.40
CA ASP A 33 9.90 -20.76 -9.77
C ASP A 33 8.37 -20.63 -9.90
N GLY A 34 7.83 -19.43 -9.69
CA GLY A 34 6.39 -19.16 -9.84
C GLY A 34 5.46 -19.81 -8.82
N THR A 35 6.01 -20.21 -7.68
CA THR A 35 5.26 -20.92 -6.64
C THR A 35 4.75 -19.97 -5.56
N TRP A 36 3.69 -20.39 -4.88
CA TRP A 36 3.12 -19.67 -3.74
C TRP A 36 3.34 -20.44 -2.47
N LEU A 37 3.70 -19.73 -1.40
CA LEU A 37 3.92 -20.31 -0.09
C LEU A 37 2.77 -19.88 0.83
N ARG A 38 2.15 -20.85 1.51
N ARG A 38 2.15 -20.85 1.51
CA ARG A 38 1.12 -20.56 2.53
CA ARG A 38 1.12 -20.57 2.53
C ARG A 38 1.79 -20.46 3.89
C ARG A 38 1.79 -20.46 3.90
N LEU A 39 1.88 -19.24 4.42
CA LEU A 39 2.56 -18.96 5.69
C LEU A 39 1.56 -18.80 6.84
N ALA A 40 2.06 -18.52 8.04
CA ALA A 40 1.22 -18.37 9.23
C ALA A 40 0.21 -17.24 9.08
N ASP A 41 -1.06 -17.51 9.43
CA ASP A 41 -2.12 -16.51 9.37
C ASP A 41 -1.85 -15.32 10.30
N LEU A 42 -2.35 -14.15 9.92
CA LEU A 42 -2.47 -13.01 10.84
C LEU A 42 -3.26 -13.40 12.07
N GLN A 43 -2.91 -12.82 13.22
CA GLN A 43 -3.64 -13.06 14.47
C GLN A 43 -5.04 -12.45 14.45
N VAL A 44 -5.16 -11.29 13.81
CA VAL A 44 -6.46 -10.63 13.59
C VAL A 44 -6.66 -10.42 12.08
N PRO A 45 -7.87 -10.73 11.55
CA PRO A 45 -8.12 -10.44 10.12
C PRO A 45 -8.08 -8.95 9.83
N ARG A 46 -7.60 -8.57 8.64
CA ARG A 46 -7.51 -7.16 8.28
C ARG A 46 -7.44 -6.92 6.77
N SER A 47 -8.10 -5.84 6.35
CA SER A 47 -8.00 -5.29 4.99
C SER A 47 -7.74 -3.79 5.08
N GLY A 48 -7.26 -3.21 3.98
CA GLY A 48 -6.85 -1.80 3.97
C GLY A 48 -5.57 -1.52 4.76
N LEU A 49 -4.78 -2.55 5.01
CA LEU A 49 -3.50 -2.44 5.73
C LEU A 49 -2.40 -2.11 4.73
N ALA A 50 -1.22 -1.79 5.26
CA ALA A 50 0.00 -1.73 4.45
C ALA A 50 1.05 -2.66 5.02
N GLY A 51 1.96 -3.09 4.15
CA GLY A 51 3.06 -3.98 4.52
C GLY A 51 4.39 -3.30 4.26
N CYS A 52 5.39 -3.63 5.08
CA CYS A 52 6.75 -3.11 4.90
C CYS A 52 7.75 -4.03 5.56
N VAL A 53 9.04 -3.83 5.23
CA VAL A 53 10.14 -4.63 5.78
C VAL A 53 11.18 -3.74 6.46
N VAL A 54 11.61 -4.15 7.65
CA VAL A 54 12.72 -3.54 8.37
C VAL A 54 13.58 -4.67 8.96
N GLY A 55 14.87 -4.66 8.65
CA GLY A 55 15.82 -5.68 9.12
C GLY A 55 15.42 -7.12 8.85
N GLY A 56 14.84 -7.36 7.66
CA GLY A 56 14.40 -8.69 7.26
C GLY A 56 13.08 -9.18 7.86
N LEU A 57 12.42 -8.36 8.68
CA LEU A 57 11.16 -8.70 9.33
C LEU A 57 9.99 -7.97 8.64
N LEU A 58 8.92 -8.71 8.34
CA LEU A 58 7.73 -8.14 7.70
C LEU A 58 6.81 -7.52 8.76
N TYR A 59 6.24 -6.37 8.45
CA TYR A 59 5.31 -5.67 9.34
C TYR A 59 3.96 -5.46 8.64
N ALA A 60 2.88 -5.67 9.40
CA ALA A 60 1.51 -5.40 8.94
C ALA A 60 1.00 -4.22 9.74
N VAL A 61 0.60 -3.15 9.04
CA VAL A 61 0.27 -1.88 9.69
C VAL A 61 -1.15 -1.43 9.39
N GLY A 62 -1.92 -1.15 10.44
CA GLY A 62 -3.24 -0.58 10.33
C GLY A 62 -4.25 -1.47 9.62
N GLY A 63 -5.22 -0.85 8.95
CA GLY A 63 -6.30 -1.55 8.24
C GLY A 63 -7.56 -1.58 9.08
N ARG A 64 -8.42 -2.55 8.77
CA ARG A 64 -9.72 -2.70 9.46
C ARG A 64 -10.21 -4.14 9.33
N ASN A 65 -10.80 -4.66 10.42
CA ASN A 65 -11.48 -5.96 10.38
C ASN A 65 -12.95 -5.71 10.04
N ASN A 66 -13.28 -5.84 8.76
CA ASN A 66 -14.66 -5.83 8.27
C ASN A 66 -15.18 -7.27 8.26
N SER A 67 -15.91 -7.62 9.32
CA SER A 67 -16.43 -8.97 9.53
C SER A 67 -17.96 -8.94 9.54
N PRO A 68 -18.62 -10.14 9.61
CA PRO A 68 -20.09 -10.15 9.73
C PRO A 68 -20.63 -9.49 11.01
N ASP A 69 -19.91 -9.65 12.12
CA ASP A 69 -20.32 -9.08 13.41
C ASP A 69 -20.23 -7.54 13.44
N GLY A 70 -19.21 -6.98 12.79
CA GLY A 70 -19.06 -5.52 12.71
C GLY A 70 -17.79 -5.04 12.01
N ASN A 71 -17.48 -3.75 12.20
CA ASN A 71 -16.28 -3.12 11.63
C ASN A 71 -15.41 -2.52 12.74
N THR A 72 -14.16 -2.99 12.84
CA THR A 72 -13.18 -2.50 13.83
C THR A 72 -11.93 -1.99 13.11
N ASP A 73 -11.76 -0.67 13.08
CA ASP A 73 -10.52 -0.06 12.55
C ASP A 73 -9.34 -0.43 13.43
N SER A 74 -8.19 -0.67 12.80
CA SER A 74 -6.99 -1.18 13.46
C SER A 74 -5.93 -0.09 13.62
N SER A 75 -5.44 0.05 14.86
CA SER A 75 -4.23 0.82 15.16
C SER A 75 -3.03 -0.10 15.34
N ALA A 76 -3.18 -1.38 15.01
CA ALA A 76 -2.21 -2.41 15.38
C ALA A 76 -1.02 -2.46 14.44
N LEU A 77 0.16 -2.72 15.02
CA LEU A 77 1.38 -3.06 14.30
C LEU A 77 1.73 -4.47 14.73
N ASP A 78 1.90 -5.36 13.75
CA ASP A 78 2.29 -6.75 14.02
C ASP A 78 3.48 -7.10 13.15
N CYS A 79 4.39 -7.92 13.70
CA CYS A 79 5.66 -8.22 13.06
C CYS A 79 5.78 -9.72 12.79
N TYR A 80 6.11 -10.07 11.55
CA TYR A 80 6.30 -11.45 11.11
C TYR A 80 7.77 -11.70 10.81
N ASN A 81 8.32 -12.74 11.43
CA ASN A 81 9.69 -13.20 11.17
C ASN A 81 9.62 -14.39 10.20
N PRO A 82 10.17 -14.23 8.97
CA PRO A 82 10.24 -15.36 8.02
C PRO A 82 11.01 -16.58 8.50
N MET A 83 11.99 -16.39 9.39
CA MET A 83 12.80 -17.48 9.91
C MET A 83 12.04 -18.38 10.88
N THR A 84 11.11 -17.80 11.66
CA THR A 84 10.31 -18.55 12.63
C THR A 84 8.86 -18.84 12.21
N ASN A 85 8.39 -18.21 11.12
CA ASN A 85 6.99 -18.31 10.67
C ASN A 85 5.98 -17.92 11.76
N GLN A 86 6.34 -16.92 12.56
CA GLN A 86 5.57 -16.50 13.72
C GLN A 86 5.25 -15.01 13.65
N TRP A 87 4.00 -14.66 14.00
CA TRP A 87 3.58 -13.26 14.16
C TRP A 87 3.73 -12.85 15.60
N SER A 88 4.20 -11.62 15.82
CA SER A 88 4.30 -11.04 17.16
C SER A 88 3.71 -9.63 17.16
N PRO A 89 2.90 -9.30 18.20
CA PRO A 89 2.37 -7.93 18.28
C PRO A 89 3.45 -6.92 18.69
N CYS A 90 3.32 -5.70 18.19
CA CYS A 90 4.19 -4.57 18.55
C CYS A 90 3.34 -3.50 19.20
N ALA A 91 3.94 -2.35 19.53
CA ALA A 91 3.19 -1.23 20.11
C ALA A 91 2.19 -0.69 19.09
N PRO A 92 0.96 -0.36 19.53
CA PRO A 92 -0.03 0.17 18.59
C PRO A 92 0.22 1.64 18.24
N MET A 93 -0.32 2.07 17.09
CA MET A 93 -0.27 3.48 16.67
C MET A 93 -1.15 4.34 17.58
N SER A 94 -0.95 5.65 17.52
CA SER A 94 -1.74 6.63 18.29
C SER A 94 -3.24 6.60 17.98
N VAL A 95 -3.58 6.27 16.73
CA VAL A 95 -4.97 6.16 16.28
C VAL A 95 -5.14 5.03 15.26
N PRO A 96 -6.37 4.48 15.12
CA PRO A 96 -6.60 3.52 14.03
C PRO A 96 -6.45 4.18 12.65
N ARG A 97 -5.93 3.41 11.69
CA ARG A 97 -5.67 3.91 10.33
C ARG A 97 -6.07 2.86 9.28
N ASN A 98 -7.32 2.94 8.83
CA ASN A 98 -7.81 2.10 7.73
C ASN A 98 -7.48 2.76 6.39
N ARG A 99 -7.11 1.93 5.40
CA ARG A 99 -6.64 2.38 4.08
C ARG A 99 -5.39 3.27 4.21
N ILE A 100 -4.46 2.79 5.03
CA ILE A 100 -3.24 3.49 5.41
C ILE A 100 -2.21 3.47 4.28
N GLY A 101 -1.25 4.39 4.35
CA GLY A 101 -0.05 4.35 3.50
C GLY A 101 1.18 4.22 4.38
N VAL A 102 2.21 3.51 3.90
CA VAL A 102 3.41 3.25 4.70
C VAL A 102 4.70 3.29 3.87
N GLY A 103 5.76 3.82 4.47
CA GLY A 103 7.11 3.83 3.88
C GLY A 103 8.20 3.70 4.95
N VAL A 104 9.39 3.29 4.52
CA VAL A 104 10.52 3.04 5.41
C VAL A 104 11.71 3.94 5.06
N ILE A 105 12.21 4.67 6.07
CA ILE A 105 13.48 5.43 5.97
C ILE A 105 14.31 5.17 7.23
N ASP A 106 15.59 4.79 7.04
CA ASP A 106 16.51 4.45 8.14
C ASP A 106 15.95 3.40 9.11
N GLY A 107 15.30 2.39 8.56
CA GLY A 107 14.67 1.34 9.36
C GLY A 107 13.59 1.82 10.31
N HIS A 108 12.90 2.90 9.95
CA HIS A 108 11.79 3.44 10.74
C HIS A 108 10.56 3.47 9.88
N ILE A 109 9.44 2.99 10.43
CA ILE A 109 8.20 2.84 9.67
C ILE A 109 7.36 4.09 9.83
N TYR A 110 7.05 4.74 8.70
CA TYR A 110 6.17 5.90 8.68
C TYR A 110 4.73 5.46 8.37
N ALA A 111 3.82 5.70 9.31
CA ALA A 111 2.39 5.44 9.11
C ALA A 111 1.72 6.72 8.64
N VAL A 112 1.22 6.72 7.40
CA VAL A 112 0.67 7.90 6.73
C VAL A 112 -0.85 7.78 6.54
N GLY A 113 -1.58 8.77 7.05
CA GLY A 113 -2.99 8.94 6.73
C GLY A 113 -3.91 7.83 7.20
N GLY A 114 -4.90 7.49 6.37
CA GLY A 114 -5.90 6.49 6.69
C GLY A 114 -7.07 7.08 7.46
N SER A 115 -8.05 6.23 7.79
CA SER A 115 -9.30 6.67 8.42
C SER A 115 -9.61 5.94 9.72
N HIS A 116 -10.39 6.60 10.58
CA HIS A 116 -11.02 5.98 11.75
C HIS A 116 -12.44 6.47 11.79
N GLY A 117 -13.38 5.64 11.32
CA GLY A 117 -14.77 6.07 11.16
C GLY A 117 -14.86 7.19 10.14
N CYS A 118 -15.52 8.29 10.51
CA CYS A 118 -15.63 9.48 9.65
C CYS A 118 -14.36 10.34 9.62
N ILE A 119 -13.46 10.14 10.58
CA ILE A 119 -12.21 10.92 10.66
C ILE A 119 -11.24 10.45 9.57
N HIS A 120 -10.84 11.37 8.70
CA HIS A 120 -9.82 11.11 7.68
C HIS A 120 -8.55 11.80 8.13
N HIS A 121 -7.50 11.03 8.37
CA HIS A 121 -6.28 11.56 8.99
C HIS A 121 -5.41 12.31 8.00
N ASN A 122 -4.95 13.49 8.41
CA ASN A 122 -3.76 14.12 7.82
C ASN A 122 -2.48 13.79 8.63
N SER A 123 -2.65 13.26 9.83
CA SER A 123 -1.53 13.01 10.74
C SER A 123 -0.64 11.86 10.26
N VAL A 124 0.63 11.94 10.66
CA VAL A 124 1.64 10.93 10.34
C VAL A 124 2.42 10.61 11.61
N GLU A 125 2.84 9.35 11.76
CA GLU A 125 3.66 8.93 12.90
C GLU A 125 4.73 7.94 12.47
N ARG A 126 5.82 7.90 13.25
CA ARG A 126 7.02 7.13 12.94
C ARG A 126 7.25 6.08 14.02
N TYR A 127 7.55 4.85 13.61
CA TYR A 127 7.84 3.74 14.52
C TYR A 127 9.34 3.48 14.57
N GLU A 128 9.86 3.28 15.78
CA GLU A 128 11.26 2.87 16.02
C GLU A 128 11.26 1.41 16.49
N PRO A 129 11.72 0.47 15.64
CA PRO A 129 11.79 -0.94 16.07
C PRO A 129 12.70 -1.22 17.28
N GLU A 130 13.83 -0.54 17.35
CA GLU A 130 14.77 -0.69 18.49
C GLU A 130 14.12 -0.38 19.85
N ARG A 131 13.24 0.63 19.89
CA ARG A 131 12.54 1.03 21.13
C ARG A 131 11.06 0.57 21.22
N ASP A 132 10.50 0.04 20.14
CA ASP A 132 9.07 -0.34 20.06
C ASP A 132 8.14 0.82 20.46
N GLU A 133 8.41 2.00 19.90
CA GLU A 133 7.68 3.22 20.22
C GLU A 133 7.25 3.93 18.96
N TRP A 134 6.01 4.45 18.97
CA TRP A 134 5.52 5.36 17.95
C TRP A 134 5.64 6.77 18.45
N HIS A 135 5.96 7.70 17.55
CA HIS A 135 5.87 9.14 17.84
C HIS A 135 5.30 9.86 16.65
N LEU A 136 4.44 10.84 16.91
CA LEU A 136 3.87 11.68 15.86
C LEU A 136 4.94 12.62 15.29
N VAL A 137 4.97 12.75 13.96
CA VAL A 137 5.80 13.72 13.25
C VAL A 137 4.87 14.81 12.67
N ALA A 138 5.39 15.67 11.80
CA ALA A 138 4.58 16.74 11.19
C ALA A 138 3.43 16.16 10.34
N PRO A 139 2.20 16.69 10.51
CA PRO A 139 1.08 16.17 9.74
C PRO A 139 1.15 16.63 8.27
N MET A 140 0.55 15.83 7.38
CA MET A 140 0.46 16.19 5.97
C MET A 140 -0.38 17.44 5.77
N LEU A 141 -0.16 18.12 4.65
CA LEU A 141 -0.92 19.30 4.28
C LEU A 141 -2.36 18.94 3.90
N THR A 142 -2.55 17.74 3.34
CA THR A 142 -3.85 17.24 2.90
C THR A 142 -4.21 15.97 3.70
N ARG A 143 -5.47 15.87 4.12
CA ARG A 143 -6.00 14.61 4.69
C ARG A 143 -6.06 13.59 3.56
N ARG A 144 -5.60 12.36 3.83
CA ARG A 144 -5.51 11.32 2.79
C ARG A 144 -5.82 9.91 3.33
N ILE A 145 -6.82 9.26 2.75
CA ILE A 145 -7.04 7.81 2.91
C ILE A 145 -6.96 7.18 1.52
N GLY A 146 -6.65 5.88 1.49
CA GLY A 146 -6.37 5.19 0.24
C GLY A 146 -5.15 5.77 -0.43
N VAL A 147 -4.19 6.19 0.39
CA VAL A 147 -3.05 6.97 -0.05
C VAL A 147 -1.90 6.06 -0.46
N GLY A 148 -1.22 6.41 -1.55
CA GLY A 148 -0.01 5.75 -1.97
C GLY A 148 1.19 6.40 -1.33
N VAL A 149 2.16 5.58 -0.91
CA VAL A 149 3.39 6.06 -0.27
C VAL A 149 4.63 5.47 -0.95
N ALA A 150 5.63 6.33 -1.15
CA ALA A 150 6.88 5.93 -1.79
C ALA A 150 8.04 6.70 -1.15
N VAL A 151 9.14 6.00 -0.90
CA VAL A 151 10.36 6.62 -0.38
C VAL A 151 11.35 6.74 -1.52
N LEU A 152 11.80 7.97 -1.78
CA LEU A 152 12.74 8.27 -2.85
C LEU A 152 13.68 9.40 -2.38
N ASN A 153 14.98 9.19 -2.56
CA ASN A 153 16.03 10.11 -2.10
C ASN A 153 15.90 10.49 -0.61
N ARG A 154 15.57 9.49 0.21
CA ARG A 154 15.34 9.65 1.65
C ARG A 154 14.18 10.61 2.03
N LEU A 155 13.27 10.84 1.08
CA LEU A 155 12.07 11.65 1.31
C LEU A 155 10.85 10.75 1.22
N LEU A 156 9.84 11.02 2.03
CA LEU A 156 8.60 10.25 2.05
C LEU A 156 7.54 11.00 1.23
N TYR A 157 7.08 10.39 0.14
CA TYR A 157 6.06 10.99 -0.72
C TYR A 157 4.69 10.39 -0.39
N ALA A 158 3.68 11.25 -0.29
CA ALA A 158 2.27 10.84 -0.19
C ALA A 158 1.60 11.21 -1.51
N VAL A 159 0.97 10.23 -2.15
CA VAL A 159 0.43 10.38 -3.51
C VAL A 159 -1.06 10.02 -3.55
N GLY A 160 -1.89 10.98 -3.97
CA GLY A 160 -3.31 10.74 -4.22
C GLY A 160 -4.14 10.48 -2.97
N GLY A 161 -5.20 9.67 -3.14
CA GLY A 161 -6.09 9.28 -2.05
C GLY A 161 -7.39 10.06 -2.01
N PHE A 162 -8.00 10.08 -0.82
CA PHE A 162 -9.32 10.65 -0.61
C PHE A 162 -9.33 11.46 0.69
N ASP A 163 -9.80 12.71 0.63
CA ASP A 163 -9.71 13.65 1.77
C ASP A 163 -10.95 13.76 2.66
N GLY A 164 -11.97 12.95 2.38
CA GLY A 164 -13.26 13.03 3.07
C GLY A 164 -14.38 13.50 2.15
N THR A 165 -14.06 14.45 1.27
CA THR A 165 -15.01 14.99 0.29
C THR A 165 -14.63 14.57 -1.16
N ASN A 166 -13.39 14.84 -1.55
CA ASN A 166 -12.91 14.61 -2.92
C ASN A 166 -11.77 13.60 -3.03
N ARG A 167 -11.71 12.94 -4.18
CA ARG A 167 -10.55 12.11 -4.53
C ARG A 167 -9.49 13.02 -5.17
N LEU A 168 -8.23 12.64 -5.00
CA LEU A 168 -7.10 13.56 -5.22
C LEU A 168 -6.15 13.10 -6.33
N ASN A 169 -5.74 14.06 -7.18
CA ASN A 169 -4.56 13.89 -8.02
C ASN A 169 -3.31 14.54 -7.40
N SER A 170 -3.49 15.25 -6.29
CA SER A 170 -2.39 15.96 -5.64
C SER A 170 -1.42 14.99 -4.94
N ALA A 171 -0.16 15.41 -4.84
CA ALA A 171 0.87 14.66 -4.11
C ALA A 171 1.71 15.63 -3.29
N GLU A 172 2.30 15.11 -2.21
CA GLU A 172 3.16 15.92 -1.33
C GLU A 172 4.32 15.09 -0.78
N CYS A 173 5.38 15.81 -0.39
CA CYS A 173 6.67 15.22 -0.07
C CYS A 173 7.11 15.63 1.34
N TYR A 174 7.50 14.66 2.15
CA TYR A 174 7.96 14.88 3.53
C TYR A 174 9.49 14.89 3.60
N TYR A 175 10.01 15.79 4.44
CA TYR A 175 11.44 15.98 4.65
C TYR A 175 11.75 15.58 6.09
N PRO A 176 12.24 14.33 6.32
CA PRO A 176 12.48 13.84 7.69
C PRO A 176 13.40 14.68 8.57
N GLU A 177 14.49 15.18 8.00
CA GLU A 177 15.47 15.98 8.75
C GLU A 177 14.91 17.33 9.17
N ARG A 178 14.15 17.96 8.27
CA ARG A 178 13.47 19.23 8.57
C ARG A 178 12.11 19.06 9.29
N ASN A 179 11.52 17.88 9.20
CA ASN A 179 10.16 17.59 9.72
C ASN A 179 9.10 18.55 9.17
N GLU A 180 8.92 18.53 7.85
CA GLU A 180 7.93 19.37 7.19
C GLU A 180 7.51 18.78 5.85
N TRP A 181 6.29 19.11 5.44
CA TRP A 181 5.71 18.64 4.19
C TRP A 181 5.65 19.75 3.17
N ARG A 182 5.75 19.39 1.90
CA ARG A 182 5.68 20.34 0.79
C ARG A 182 4.93 19.70 -0.39
N MET A 183 4.03 20.46 -1.00
CA MET A 183 3.23 19.98 -2.13
C MET A 183 4.13 19.92 -3.36
N ILE A 184 4.02 18.82 -4.11
CA ILE A 184 4.78 18.65 -5.37
C ILE A 184 3.82 18.68 -6.57
N THR A 185 4.33 18.45 -7.77
CA THR A 185 3.49 18.42 -8.98
C THR A 185 2.42 17.34 -8.85
N ALA A 186 1.15 17.75 -9.01
CA ALA A 186 0.02 16.82 -8.95
C ALA A 186 0.01 15.90 -10.17
N MET A 187 -0.64 14.74 -10.01
CA MET A 187 -0.71 13.73 -11.07
C MET A 187 -1.60 14.15 -12.22
N ASN A 188 -1.43 13.48 -13.36
CA ASN A 188 -2.32 13.67 -14.52
C ASN A 188 -3.75 13.24 -14.20
N THR A 189 -3.90 12.11 -13.52
CA THR A 189 -5.20 11.53 -13.19
C THR A 189 -5.46 11.58 -11.68
N ILE A 190 -6.72 11.73 -11.31
CA ILE A 190 -7.15 11.58 -9.93
C ILE A 190 -7.09 10.08 -9.59
N ARG A 191 -6.43 9.75 -8.49
CA ARG A 191 -6.21 8.35 -8.09
C ARG A 191 -6.37 8.19 -6.58
N SER A 192 -7.45 7.54 -6.18
CA SER A 192 -7.60 7.02 -4.83
C SER A 192 -7.51 5.49 -4.89
N GLY A 193 -6.78 4.90 -3.93
CA GLY A 193 -6.58 3.46 -3.89
C GLY A 193 -5.74 2.92 -5.04
N ALA A 194 -4.77 3.71 -5.50
CA ALA A 194 -3.82 3.25 -6.51
C ALA A 194 -2.70 2.48 -5.82
N GLY A 195 -1.84 1.87 -6.63
CA GLY A 195 -0.59 1.28 -6.16
C GLY A 195 0.54 2.26 -6.42
N VAL A 196 1.25 2.65 -5.37
CA VAL A 196 2.38 3.59 -5.50
C VAL A 196 3.68 2.94 -5.00
N CYS A 197 4.72 3.01 -5.83
CA CYS A 197 6.03 2.43 -5.52
C CYS A 197 7.14 3.24 -6.19
N VAL A 198 8.38 2.88 -5.91
CA VAL A 198 9.57 3.53 -6.49
C VAL A 198 10.37 2.52 -7.31
N LEU A 199 10.65 2.85 -8.56
CA LEU A 199 11.50 2.03 -9.43
C LEU A 199 12.42 2.93 -10.27
N HIS A 200 13.73 2.65 -10.22
CA HIS A 200 14.74 3.38 -10.98
C HIS A 200 14.60 4.88 -10.85
N ASN A 201 14.62 5.35 -9.60
CA ASN A 201 14.59 6.78 -9.26
C ASN A 201 13.30 7.55 -9.65
N CYS A 202 12.19 6.82 -9.85
CA CYS A 202 10.91 7.41 -10.22
C CYS A 202 9.77 6.82 -9.40
N ILE A 203 8.79 7.65 -9.04
CA ILE A 203 7.59 7.20 -8.33
C ILE A 203 6.57 6.77 -9.38
N TYR A 204 6.13 5.52 -9.32
CA TYR A 204 5.04 5.01 -10.17
C TYR A 204 3.73 5.03 -9.39
N ALA A 205 2.66 5.49 -10.04
CA ALA A 205 1.29 5.41 -9.53
C ALA A 205 0.47 4.58 -10.52
N ALA A 206 0.03 3.39 -10.09
CA ALA A 206 -0.66 2.43 -10.96
C ALA A 206 -2.12 2.23 -10.53
N GLY A 207 -3.03 2.39 -11.50
CA GLY A 207 -4.45 2.15 -11.27
C GLY A 207 -5.08 3.11 -10.28
N GLY A 208 -6.01 2.58 -9.47
CA GLY A 208 -6.81 3.39 -8.55
C GLY A 208 -8.20 3.67 -9.09
N TYR A 209 -8.90 4.58 -8.41
CA TYR A 209 -10.26 5.00 -8.75
C TYR A 209 -10.29 6.52 -8.84
N ASP A 210 -10.87 7.05 -9.93
CA ASP A 210 -10.87 8.51 -10.21
C ASP A 210 -12.14 9.25 -9.77
N GLY A 211 -13.05 8.57 -9.08
CA GLY A 211 -14.37 9.10 -8.75
C GLY A 211 -15.50 8.43 -9.50
N GLN A 212 -15.21 7.97 -10.72
CA GLN A 212 -16.19 7.29 -11.58
C GLN A 212 -15.79 5.84 -11.89
N ASP A 213 -14.55 5.64 -12.35
CA ASP A 213 -14.10 4.36 -12.88
C ASP A 213 -12.78 3.90 -12.27
N GLN A 214 -12.63 2.58 -12.16
CA GLN A 214 -11.34 1.95 -11.89
C GLN A 214 -10.42 2.21 -13.08
N LEU A 215 -9.16 2.51 -12.78
CA LEU A 215 -8.17 2.88 -13.80
C LEU A 215 -7.22 1.71 -14.07
N ASN A 216 -6.87 1.54 -15.35
CA ASN A 216 -5.75 0.67 -15.75
C ASN A 216 -4.47 1.46 -16.08
N SER A 217 -4.57 2.80 -16.10
CA SER A 217 -3.45 3.68 -16.48
C SER A 217 -2.38 3.72 -15.39
N VAL A 218 -1.13 3.88 -15.83
CA VAL A 218 0.03 3.99 -14.94
C VAL A 218 0.86 5.21 -15.31
N GLU A 219 1.19 6.04 -14.32
CA GLU A 219 2.02 7.22 -14.56
C GLU A 219 3.22 7.30 -13.61
N ARG A 220 4.25 8.01 -14.08
CA ARG A 220 5.61 7.96 -13.52
C ARG A 220 6.16 9.36 -13.26
N TYR A 221 6.50 9.65 -12.00
CA TYR A 221 7.08 10.93 -11.61
C TYR A 221 8.60 10.88 -11.74
N ASP A 222 9.15 11.78 -12.56
CA ASP A 222 10.60 11.96 -12.68
C ASP A 222 10.99 13.18 -11.85
N VAL A 223 11.94 13.00 -10.94
CA VAL A 223 12.30 14.03 -9.95
C VAL A 223 12.98 15.24 -10.58
N ALA A 224 13.94 15.00 -11.47
CA ALA A 224 14.71 16.07 -12.13
C ALA A 224 13.83 17.01 -12.95
N THR A 225 12.90 16.44 -13.71
CA THR A 225 11.96 17.23 -14.53
C THR A 225 10.69 17.67 -13.77
N ALA A 226 10.40 17.02 -12.64
CA ALA A 226 9.22 17.31 -11.81
C ALA A 226 7.89 17.19 -12.57
N THR A 227 7.80 16.16 -13.43
CA THR A 227 6.63 15.93 -14.27
C THR A 227 6.17 14.47 -14.24
N TRP A 228 4.86 14.27 -14.22
CA TRP A 228 4.26 12.93 -14.35
C TRP A 228 3.99 12.61 -15.79
N THR A 229 4.55 11.50 -16.27
CA THR A 229 4.30 11.02 -17.63
C THR A 229 3.71 9.61 -17.59
N PHE A 230 2.81 9.31 -18.53
CA PHE A 230 2.18 7.99 -18.61
C PHE A 230 3.16 6.96 -19.15
N VAL A 231 3.04 5.72 -18.65
CA VAL A 231 3.74 4.55 -19.20
C VAL A 231 2.67 3.58 -19.72
N ALA A 232 3.05 2.37 -20.10
CA ALA A 232 2.07 1.38 -20.60
C ALA A 232 1.06 1.02 -19.50
N PRO A 233 -0.25 0.97 -19.86
CA PRO A 233 -1.27 0.66 -18.86
C PRO A 233 -1.33 -0.83 -18.52
N MET A 234 -1.86 -1.14 -17.34
CA MET A 234 -2.11 -2.53 -16.92
C MET A 234 -3.20 -3.14 -17.80
N LYS A 235 -3.16 -4.46 -17.99
CA LYS A 235 -4.23 -5.15 -18.73
C LYS A 235 -5.57 -5.03 -18.01
N HIS A 236 -5.56 -5.12 -16.67
CA HIS A 236 -6.78 -5.10 -15.87
C HIS A 236 -6.83 -3.90 -14.97
N ARG A 237 -7.85 -3.06 -15.16
CA ARG A 237 -8.13 -1.91 -14.27
C ARG A 237 -8.40 -2.40 -12.85
N ARG A 238 -7.99 -1.60 -11.87
CA ARG A 238 -8.06 -2.03 -10.46
C ARG A 238 -7.83 -0.90 -9.46
N SER A 239 -8.49 -1.02 -8.30
CA SER A 239 -8.25 -0.15 -7.14
C SER A 239 -8.16 -1.00 -5.88
N ALA A 240 -7.55 -0.42 -4.85
CA ALA A 240 -7.21 -1.15 -3.61
C ALA A 240 -6.36 -2.37 -3.95
N LEU A 241 -5.38 -2.17 -4.83
CA LEU A 241 -4.44 -3.20 -5.27
C LEU A 241 -3.22 -3.19 -4.35
N GLY A 242 -2.56 -4.34 -4.25
CA GLY A 242 -1.25 -4.43 -3.62
C GLY A 242 -0.20 -4.02 -4.64
N ILE A 243 0.91 -3.46 -4.17
CA ILE A 243 2.04 -3.14 -5.06
C ILE A 243 3.41 -3.34 -4.41
N THR A 244 4.38 -3.78 -5.20
CA THR A 244 5.76 -3.90 -4.75
C THR A 244 6.73 -3.97 -5.93
N VAL A 245 8.02 -3.84 -5.63
CA VAL A 245 9.09 -3.95 -6.63
C VAL A 245 10.01 -5.11 -6.24
N HIS A 246 10.32 -5.97 -7.22
CA HIS A 246 11.19 -7.12 -7.01
C HIS A 246 12.11 -7.27 -8.20
N GLN A 247 13.42 -7.12 -7.96
CA GLN A 247 14.47 -7.22 -8.98
C GLN A 247 14.19 -6.35 -10.22
N GLY A 248 13.91 -5.07 -9.97
CA GLY A 248 13.70 -4.09 -11.05
C GLY A 248 12.43 -4.24 -11.87
N ARG A 249 11.42 -4.91 -11.31
CA ARG A 249 10.10 -5.00 -11.92
C ARG A 249 9.02 -4.71 -10.88
N ILE A 250 7.97 -3.99 -11.29
CA ILE A 250 6.82 -3.68 -10.42
C ILE A 250 5.84 -4.84 -10.53
N TYR A 251 5.33 -5.29 -9.38
CA TYR A 251 4.26 -6.28 -9.31
C TYR A 251 3.05 -5.62 -8.68
N VAL A 252 1.88 -5.83 -9.28
CA VAL A 252 0.61 -5.37 -8.73
C VAL A 252 -0.26 -6.60 -8.44
N LEU A 253 -0.89 -6.62 -7.26
CA LEU A 253 -1.52 -7.82 -6.71
C LEU A 253 -2.99 -7.59 -6.37
N GLY A 254 -3.88 -8.24 -7.13
CA GLY A 254 -5.31 -8.26 -6.82
C GLY A 254 -5.98 -6.91 -6.95
N GLY A 255 -6.93 -6.64 -6.05
CA GLY A 255 -7.71 -5.42 -6.07
C GLY A 255 -9.16 -5.65 -6.46
N TYR A 256 -9.87 -4.55 -6.68
CA TYR A 256 -11.28 -4.54 -7.04
C TYR A 256 -11.41 -3.78 -8.36
N ASP A 257 -12.10 -4.37 -9.34
CA ASP A 257 -12.25 -3.79 -10.68
C ASP A 257 -13.58 -3.06 -10.93
N GLY A 258 -14.35 -2.83 -9.86
CA GLY A 258 -15.71 -2.27 -9.95
C GLY A 258 -16.82 -3.32 -9.89
N HIS A 259 -16.52 -4.55 -10.33
CA HIS A 259 -17.49 -5.65 -10.37
C HIS A 259 -17.06 -6.84 -9.56
N THR A 260 -15.82 -7.28 -9.74
CA THR A 260 -15.28 -8.46 -9.05
C THR A 260 -13.98 -8.18 -8.30
N PHE A 261 -13.57 -9.18 -7.51
CA PHE A 261 -12.31 -9.16 -6.78
C PHE A 261 -11.27 -9.95 -7.55
N LEU A 262 -10.13 -9.32 -7.83
CA LEU A 262 -9.09 -9.89 -8.69
C LEU A 262 -8.13 -10.78 -7.91
N ASP A 263 -7.78 -11.91 -8.51
CA ASP A 263 -6.61 -12.70 -8.09
C ASP A 263 -5.40 -12.45 -9.01
N SER A 264 -5.58 -11.65 -10.07
CA SER A 264 -4.54 -11.38 -11.05
C SER A 264 -3.31 -10.69 -10.47
N VAL A 265 -2.13 -11.16 -10.86
CA VAL A 265 -0.87 -10.49 -10.58
C VAL A 265 -0.21 -10.12 -11.91
N GLU A 266 -0.10 -8.83 -12.19
CA GLU A 266 0.61 -8.34 -13.38
C GLU A 266 1.98 -7.80 -12.99
N CYS A 267 2.95 -8.00 -13.88
CA CYS A 267 4.34 -7.57 -13.68
C CYS A 267 4.72 -6.56 -14.76
N TYR A 268 5.36 -5.46 -14.36
CA TYR A 268 5.83 -4.43 -15.29
C TYR A 268 7.33 -4.51 -15.51
N ASP A 269 7.74 -4.59 -16.78
CA ASP A 269 9.15 -4.53 -17.18
C ASP A 269 9.42 -3.14 -17.72
N PRO A 270 10.24 -2.33 -17.02
CA PRO A 270 10.51 -0.95 -17.48
C PRO A 270 11.38 -0.85 -18.75
N ASP A 271 12.20 -1.87 -19.02
CA ASP A 271 13.06 -1.90 -20.21
C ASP A 271 12.26 -2.05 -21.51
N THR A 272 11.24 -2.92 -21.49
CA THR A 272 10.35 -3.13 -22.63
C THR A 272 9.06 -2.30 -22.57
N ASP A 273 8.80 -1.64 -21.44
CA ASP A 273 7.55 -0.89 -21.20
C ASP A 273 6.31 -1.76 -21.46
N THR A 274 6.30 -2.95 -20.88
CA THR A 274 5.21 -3.91 -21.08
C THR A 274 4.78 -4.55 -19.77
N TRP A 275 3.47 -4.75 -19.64
CA TRP A 275 2.87 -5.53 -18.56
C TRP A 275 2.59 -6.92 -19.03
N SER A 276 2.72 -7.90 -18.13
CA SER A 276 2.29 -9.28 -18.39
C SER A 276 1.79 -9.91 -17.10
N GLU A 277 0.76 -10.76 -17.20
CA GLU A 277 0.23 -11.47 -16.04
C GLU A 277 1.17 -12.64 -15.73
N VAL A 278 1.83 -12.59 -14.56
CA VAL A 278 2.85 -13.59 -14.19
C VAL A 278 2.29 -14.74 -13.36
N THR A 279 1.25 -14.47 -12.58
CA THR A 279 0.64 -15.49 -11.74
C THR A 279 -0.76 -15.04 -11.30
N ARG A 280 -1.42 -15.91 -10.54
CA ARG A 280 -2.65 -15.55 -9.85
C ARG A 280 -2.45 -15.81 -8.36
N MET A 281 -3.10 -14.99 -7.54
CA MET A 281 -3.18 -15.26 -6.11
C MET A 281 -4.07 -16.48 -5.91
N THR A 282 -3.93 -17.15 -4.76
CA THR A 282 -4.72 -18.36 -4.48
C THR A 282 -6.22 -18.10 -4.39
N SER A 283 -6.60 -16.86 -4.10
CA SER A 283 -7.99 -16.40 -4.11
C SER A 283 -8.05 -14.90 -4.35
N GLY A 284 -9.09 -14.45 -5.04
CA GLY A 284 -9.28 -13.04 -5.36
C GLY A 284 -9.55 -12.20 -4.11
N ARG A 285 -8.95 -11.02 -4.06
CA ARG A 285 -9.06 -10.14 -2.89
C ARG A 285 -8.61 -8.70 -3.20
N SER A 286 -9.11 -7.75 -2.41
CA SER A 286 -8.68 -6.35 -2.44
C SER A 286 -8.11 -5.92 -1.09
N GLY A 287 -7.36 -4.83 -1.09
CA GLY A 287 -6.87 -4.20 0.15
C GLY A 287 -5.82 -4.99 0.90
N VAL A 288 -4.91 -5.63 0.18
CA VAL A 288 -3.80 -6.38 0.80
C VAL A 288 -2.63 -5.47 1.15
N GLY A 289 -1.85 -5.87 2.17
CA GLY A 289 -0.53 -5.29 2.42
C GLY A 289 0.52 -6.12 1.70
N VAL A 290 1.50 -5.46 1.10
CA VAL A 290 2.55 -6.13 0.32
C VAL A 290 3.94 -5.59 0.64
N ALA A 291 4.92 -6.48 0.71
CA ALA A 291 6.33 -6.11 0.90
C ALA A 291 7.24 -7.23 0.42
N VAL A 292 8.51 -6.90 0.20
CA VAL A 292 9.51 -7.84 -0.31
C VAL A 292 10.68 -7.98 0.67
N THR A 293 11.06 -9.22 0.94
CA THR A 293 12.29 -9.51 1.70
C THR A 293 12.74 -10.95 1.46
N CYS B 2 -22.23 -0.59 -1.41
CA CYS B 2 -20.89 -0.98 -0.96
C CYS B 2 -19.85 0.03 -1.39
N ASP B 3 -18.59 -0.09 -0.87
CA ASP B 3 -17.53 0.88 -1.26
C ASP B 3 -17.12 0.75 -2.69
N GLU B 5 -14.36 1.71 -4.30
CA GLU B 5 -12.90 1.54 -4.51
C GLU B 5 -12.36 0.23 -3.99
N THR B 6 -12.82 -0.20 -2.78
CA THR B 6 -12.32 -1.47 -2.20
C THR B 6 -13.31 -2.59 -2.40
N GLY B 7 -14.61 -2.31 -2.74
CA GLY B 7 -15.59 -3.41 -2.90
C GLY B 7 -16.09 -3.84 -1.53
N GLU B 8 -15.69 -3.23 -0.37
CA GLU B 8 -16.19 -3.72 0.93
C GLU B 8 -17.61 -3.26 1.20
N CYS B 9 -18.41 -4.12 1.90
CA CYS B 9 -19.81 -3.81 2.22
C CYS B 9 -19.96 -3.59 3.71
#